data_1A5H
#
_entry.id   1A5H
#
_cell.length_a   151.830
_cell.length_b   60.500
_cell.length_c   62.610
_cell.angle_alpha   90.00
_cell.angle_beta   110.50
_cell.angle_gamma   90.00
#
_symmetry.space_group_name_H-M   'C 1 2 1'
#
loop_
_entity.id
_entity.type
_entity.pdbx_description
1 polymer 'TISSUE PLASMINOGEN ACTIVATOR'
2 polymer 'TISSUE PLASMINOGEN ACTIVATOR'
3 non-polymer 2,7-BIS-(4-AMIDINOBENZYLIDENE)-CYCLOHEPTAN-1-ONE
4 water water
#
loop_
_entity_poly.entity_id
_entity_poly.type
_entity_poly.pdbx_seq_one_letter_code
_entity_poly.pdbx_strand_id
1 'polypeptide(L)' TCGLRQY C,D
2 'polypeptide(L)'
;IKGGLFADIASHPWQAAIFAKHRRSPGERFLCGGILISSCWILSAAHCFQERFPPHHLTVILGRTYRVVPGEEEQKFEVE
KYIVHKEFDDDTYDNDIALLQLKSDSSRCAQESSVVRTVCLPPADLQLPDWTECELSGYGKHEALSPFYSERLKEAHVRL
YPSSRCTSQHLLNRTVTDNMLCAGDTRSGGPQANLHDACQGDSGGPLVCLNDGRMTLVGIISWGLGCGQKDVPGVYTKVT
NYLDWIRDNMRP
;
A,B
#
loop_
_chem_comp.id
_chem_comp.type
_chem_comp.name
_chem_comp.formula
BBA non-polymer 2,7-BIS-(4-AMIDINOBENZYLIDENE)-CYCLOHEPTAN-1-ONE 'C23 H28 N4 O'
#
# COMPACT_ATOMS: atom_id res chain seq x y z
N THR A 1 -12.69 7.10 -39.25
CA THR A 1 -13.00 7.92 -38.06
C THR A 1 -13.12 6.94 -36.89
N CYS A 2 -13.46 7.44 -35.71
CA CYS A 2 -13.57 6.60 -34.51
C CYS A 2 -14.60 5.49 -34.62
N GLY A 3 -14.47 4.50 -33.75
CA GLY A 3 -15.39 3.40 -33.68
C GLY A 3 -15.31 2.40 -34.82
N LEU A 4 -14.35 2.61 -35.71
CA LEU A 4 -14.16 1.73 -36.85
C LEU A 4 -12.97 0.80 -36.63
N ARG A 5 -13.05 -0.41 -37.18
CA ARG A 5 -11.98 -1.42 -37.06
C ARG A 5 -12.05 -2.34 -38.29
N GLN A 6 -11.40 -3.49 -38.21
CA GLN A 6 -11.43 -4.44 -39.31
C GLN A 6 -12.04 -5.79 -38.90
N TYR A 7 -13.06 -6.18 -39.67
CA TYR A 7 -13.77 -7.44 -39.46
C TYR A 7 -13.78 -8.16 -40.80
N ILE B 1 -7.65 -11.60 -19.51
CA ILE B 1 -9.04 -11.95 -19.89
C ILE B 1 -9.27 -13.43 -19.60
N LYS B 2 -10.30 -13.72 -18.81
CA LYS B 2 -10.65 -15.08 -18.48
C LYS B 2 -11.52 -15.55 -19.64
N GLY B 3 -11.24 -16.74 -20.15
CA GLY B 3 -12.01 -17.24 -21.28
C GLY B 3 -11.70 -16.39 -22.50
N GLY B 4 -12.70 -16.17 -23.35
CA GLY B 4 -12.49 -15.36 -24.54
C GLY B 4 -11.58 -16.03 -25.56
N LEU B 5 -10.98 -15.23 -26.43
CA LEU B 5 -10.09 -15.73 -27.46
C LEU B 5 -8.96 -14.76 -27.77
N PHE B 6 -7.90 -15.27 -28.39
CA PHE B 6 -6.76 -14.44 -28.76
C PHE B 6 -7.22 -13.51 -29.88
N ALA B 7 -6.87 -12.23 -29.78
CA ALA B 7 -7.25 -11.24 -30.77
C ALA B 7 -6.05 -10.42 -31.24
N ASP B 8 -6.13 -9.94 -32.48
CA ASP B 8 -5.09 -9.12 -33.06
C ASP B 8 -5.47 -7.67 -32.81
N ILE B 9 -4.49 -6.84 -32.48
CA ILE B 9 -4.73 -5.43 -32.18
C ILE B 9 -5.68 -4.73 -33.16
N ALA B 10 -5.63 -5.11 -34.43
CA ALA B 10 -6.49 -4.51 -35.47
C ALA B 10 -7.98 -4.65 -35.16
N SER B 11 -8.36 -5.59 -34.30
CA SER B 11 -9.75 -5.78 -33.94
C SER B 11 -10.14 -4.86 -32.80
N HIS B 12 -9.17 -4.23 -32.16
CA HIS B 12 -9.46 -3.33 -31.06
C HIS B 12 -8.41 -2.21 -31.07
N PRO B 13 -8.27 -1.48 -32.19
CA PRO B 13 -7.33 -0.37 -32.41
C PRO B 13 -7.21 0.65 -31.28
N TRP B 14 -8.26 0.70 -30.47
CA TRP B 14 -8.39 1.61 -29.32
C TRP B 14 -7.76 1.14 -27.99
N GLN B 15 -7.27 -0.10 -27.96
CA GLN B 15 -6.60 -0.67 -26.78
C GLN B 15 -5.19 -0.04 -26.63
N ALA B 16 -4.85 0.31 -25.39
CA ALA B 16 -3.55 0.88 -25.11
C ALA B 16 -2.88 0.05 -24.04
N ALA B 17 -1.58 -0.16 -24.17
CA ALA B 17 -0.81 -0.90 -23.17
C ALA B 17 0.00 0.17 -22.44
N ILE B 18 -0.20 0.30 -21.13
CA ILE B 18 0.56 1.28 -20.37
C ILE B 18 1.61 0.56 -19.52
N PHE B 19 2.87 0.93 -19.73
CA PHE B 19 3.99 0.38 -19.01
C PHE B 19 4.56 1.43 -18.07
N ALA B 20 5.21 0.98 -17.00
CA ALA B 20 5.82 1.84 -16.00
C ALA B 20 7.11 1.18 -15.56
N LYS B 21 8.01 1.95 -14.95
CA LYS B 21 9.26 1.35 -14.51
C LYS B 21 9.50 1.27 -12.99
N HIS B 22 10.75 1.05 -12.59
CA HIS B 22 11.11 0.93 -11.18
C HIS B 22 12.31 1.81 -10.86
N ARG B 23 12.72 1.80 -9.59
CA ARG B 23 13.86 2.59 -9.14
C ARG B 23 15.12 2.11 -9.86
N ARG B 24 15.97 3.05 -10.25
CA ARG B 24 17.23 2.76 -10.95
C ARG B 24 17.03 2.29 -12.40
N SER B 25 15.79 2.32 -12.87
CA SER B 25 15.45 1.93 -14.23
C SER B 25 15.88 0.52 -14.64
N PRO B 26 15.55 -0.50 -13.83
CA PRO B 26 15.94 -1.87 -14.19
C PRO B 26 15.08 -2.44 -15.33
N GLY B 27 13.83 -1.99 -15.39
CA GLY B 27 12.92 -2.46 -16.41
C GLY B 27 11.53 -1.89 -16.23
N GLU B 28 10.82 -1.71 -17.34
CA GLU B 28 9.46 -1.19 -17.34
C GLU B 28 8.46 -2.33 -17.36
N ARG B 29 7.60 -2.39 -16.35
CA ARG B 29 6.58 -3.44 -16.23
C ARG B 29 5.20 -3.01 -16.77
N PHE B 30 4.41 -3.99 -17.20
CA PHE B 30 3.06 -3.71 -17.71
C PHE B 30 2.21 -3.26 -16.52
N LEU B 31 1.67 -2.05 -16.59
CA LEU B 31 0.86 -1.54 -15.48
C LEU B 31 -0.63 -1.86 -15.64
N CYS B 32 -1.25 -1.26 -16.64
CA CYS B 32 -2.67 -1.43 -16.92
C CYS B 32 -2.95 -1.19 -18.40
N GLY B 33 -4.21 -1.40 -18.78
CA GLY B 33 -4.64 -1.18 -20.14
C GLY B 33 -5.17 0.23 -20.22
N GLY B 34 -5.35 0.74 -21.43
CA GLY B 34 -5.85 2.08 -21.61
C GLY B 34 -6.78 2.10 -22.80
N ILE B 35 -7.50 3.19 -22.99
CA ILE B 35 -8.45 3.33 -24.08
C ILE B 35 -8.21 4.64 -24.82
N LEU B 36 -7.88 4.55 -26.11
CA LEU B 36 -7.60 5.72 -26.95
C LEU B 36 -8.84 6.51 -27.38
N ILE B 37 -9.03 7.71 -26.83
CA ILE B 37 -10.19 8.51 -27.21
C ILE B 37 -9.88 9.53 -28.30
N SER B 38 -8.74 10.21 -28.16
CA SER B 38 -8.31 11.19 -29.15
C SER B 38 -6.80 11.00 -29.35
N SER B 39 -6.25 11.61 -30.38
CA SER B 39 -4.84 11.46 -30.71
C SER B 39 -3.84 11.55 -29.56
N CYS B 40 -4.06 12.49 -28.65
CA CYS B 40 -3.13 12.63 -27.54
C CYS B 40 -3.74 12.34 -26.18
N TRP B 41 -4.93 11.75 -26.15
CA TRP B 41 -5.55 11.45 -24.87
C TRP B 41 -6.08 10.04 -24.84
N ILE B 42 -5.74 9.33 -23.77
CA ILE B 42 -6.20 7.98 -23.55
C ILE B 42 -6.74 7.89 -22.12
N LEU B 43 -7.83 7.15 -21.95
CA LEU B 43 -8.42 6.97 -20.64
C LEU B 43 -7.87 5.70 -20.04
N SER B 44 -8.01 5.55 -18.73
CA SER B 44 -7.55 4.38 -18.00
C SER B 44 -8.27 4.39 -16.65
N ALA B 45 -7.91 3.48 -15.76
CA ALA B 45 -8.53 3.42 -14.45
C ALA B 45 -7.68 4.12 -13.41
N ALA B 46 -8.30 5.01 -12.64
CA ALA B 46 -7.60 5.77 -11.61
C ALA B 46 -6.78 4.89 -10.64
N HIS B 47 -7.32 3.74 -10.26
CA HIS B 47 -6.63 2.85 -9.34
C HIS B 47 -5.27 2.39 -9.80
N CYS B 48 -5.06 2.39 -11.11
CA CYS B 48 -3.79 1.98 -11.68
C CYS B 48 -2.67 2.94 -11.28
N PHE B 49 -3.04 4.19 -11.03
CA PHE B 49 -2.10 5.24 -10.69
C PHE B 49 -2.00 5.59 -9.21
N GLN B 50 -2.41 4.64 -8.37
CA GLN B 50 -2.38 4.82 -6.91
C GLN B 50 -0.99 5.00 -6.33
N GLU B 51 0.04 4.67 -7.10
CA GLU B 51 1.42 4.80 -6.62
C GLU B 51 2.03 6.17 -6.95
N ARG B 52 1.21 7.08 -7.48
CA ARG B 52 1.65 8.43 -7.86
C ARG B 52 2.96 8.40 -8.65
N PHE B 53 2.89 7.94 -9.88
CA PHE B 53 4.06 7.84 -10.77
C PHE B 53 4.41 9.16 -11.46
N PRO B 54 5.72 9.37 -11.71
CA PRO B 54 6.11 10.60 -12.40
C PRO B 54 5.78 10.36 -13.88
N PRO B 55 4.88 11.17 -14.48
CA PRO B 55 4.50 11.02 -15.89
C PRO B 55 5.54 10.42 -16.84
N HIS B 56 6.74 10.98 -16.86
CA HIS B 56 7.79 10.47 -17.77
C HIS B 56 8.24 9.05 -17.47
N HIS B 57 7.54 8.39 -16.57
CA HIS B 57 7.82 7.01 -16.18
C HIS B 57 6.62 6.14 -16.55
N LEU B 58 5.81 6.68 -17.47
CA LEU B 58 4.64 6.01 -17.96
C LEU B 58 4.69 6.06 -19.48
N THR B 59 4.63 4.89 -20.10
CA THR B 59 4.68 4.78 -21.54
C THR B 59 3.46 4.06 -22.08
N VAL B 60 2.75 4.73 -22.99
CA VAL B 60 1.56 4.15 -23.60
C VAL B 60 2.01 3.63 -24.94
N ILE B 61 1.71 2.37 -25.21
CA ILE B 61 2.08 1.76 -26.47
C ILE B 61 0.84 1.32 -27.21
N LEU B 62 0.66 1.92 -28.39
CA LEU B 62 -0.48 1.65 -29.26
C LEU B 62 -0.06 0.76 -30.42
N GLY B 63 -1.02 0.09 -31.05
CA GLY B 63 -0.73 -0.78 -32.17
C GLY B 63 0.10 -2.02 -31.86
N ARG B 64 -0.12 -2.62 -30.69
CA ARG B 64 0.65 -3.80 -30.29
C ARG B 64 -0.19 -5.03 -29.93
N THR B 65 -0.07 -6.09 -30.73
CA THR B 65 -0.80 -7.34 -30.51
C THR B 65 -0.24 -8.18 -29.35
N TYR B 66 1.08 -8.27 -29.22
CA TYR B 66 1.70 -9.04 -28.15
C TYR B 66 2.15 -8.09 -27.05
N ARG B 67 1.81 -8.41 -25.81
CA ARG B 67 2.16 -7.57 -24.67
C ARG B 67 3.58 -7.00 -24.66
N VAL B 68 4.60 -7.85 -24.77
CA VAL B 68 5.99 -7.40 -24.73
C VAL B 68 6.76 -7.49 -26.09
N VAL B 69 6.15 -8.13 -27.08
CA VAL B 69 6.77 -8.26 -28.38
C VAL B 69 6.29 -7.09 -29.24
N PRO B 70 7.20 -6.16 -29.56
CA PRO B 70 6.98 -4.96 -30.38
C PRO B 70 6.29 -5.23 -31.71
N GLY B 71 5.24 -4.46 -31.98
CA GLY B 71 4.48 -4.61 -33.21
C GLY B 71 5.04 -3.94 -34.45
N GLU B 72 4.70 -4.52 -35.61
CA GLU B 72 5.14 -4.04 -36.90
C GLU B 72 4.83 -2.56 -37.11
N GLU B 73 3.66 -2.12 -36.65
CA GLU B 73 3.25 -0.72 -36.83
C GLU B 73 2.76 -0.07 -35.53
N GLU B 74 3.42 -0.37 -34.42
CA GLU B 74 3.00 0.20 -33.14
C GLU B 74 3.42 1.66 -33.00
N GLN B 75 2.94 2.31 -31.95
CA GLN B 75 3.25 3.71 -31.70
C GLN B 75 3.38 3.88 -30.20
N LYS B 76 4.61 4.15 -29.77
CA LYS B 76 4.95 4.31 -28.37
C LYS B 76 5.04 5.79 -28.02
N PHE B 77 4.36 6.19 -26.95
CA PHE B 77 4.36 7.59 -26.51
C PHE B 77 4.61 7.65 -25.02
N GLU B 78 5.21 8.76 -24.58
CA GLU B 78 5.47 8.96 -23.16
C GLU B 78 4.39 9.88 -22.66
N VAL B 79 4.02 9.74 -21.40
CA VAL B 79 2.97 10.57 -20.81
C VAL B 79 3.50 11.94 -20.36
N GLU B 80 2.81 13.01 -20.75
CA GLU B 80 3.22 14.35 -20.36
C GLU B 80 2.61 14.64 -19.01
N LYS B 81 1.30 14.44 -18.92
CA LYS B 81 0.59 14.63 -17.67
C LYS B 81 -0.62 13.68 -17.63
N TYR B 82 -0.88 13.10 -16.46
CA TYR B 82 -2.03 12.23 -16.32
C TYR B 82 -2.89 12.76 -15.19
N ILE B 83 -4.17 12.95 -15.48
CA ILE B 83 -5.13 13.47 -14.52
C ILE B 83 -5.88 12.30 -13.92
N VAL B 84 -5.96 12.29 -12.59
CA VAL B 84 -6.64 11.24 -11.87
C VAL B 84 -7.85 11.86 -11.19
N HIS B 85 -9.03 11.30 -11.44
CA HIS B 85 -10.28 11.82 -10.88
C HIS B 85 -10.20 12.00 -9.35
N LYS B 86 -10.29 13.26 -8.91
CA LYS B 86 -10.19 13.59 -7.49
C LYS B 86 -11.11 12.86 -6.51
N GLU B 87 -12.34 12.62 -6.92
CA GLU B 87 -13.28 11.93 -6.04
C GLU B 87 -13.16 10.41 -6.05
N PHE B 88 -12.06 9.91 -6.62
CA PHE B 88 -11.82 8.48 -6.68
C PHE B 88 -11.59 7.94 -5.28
N ASP B 89 -12.30 6.86 -4.93
CA ASP B 89 -12.15 6.27 -3.61
C ASP B 89 -11.42 4.95 -3.72
N ASP B 90 -10.43 4.75 -2.85
CA ASP B 90 -9.63 3.54 -2.88
C ASP B 90 -10.27 2.28 -2.31
N ASP B 91 -11.28 2.48 -1.48
CA ASP B 91 -11.97 1.33 -0.91
C ASP B 91 -13.01 0.83 -1.88
N THR B 92 -13.93 1.72 -2.21
CA THR B 92 -15.04 1.42 -3.09
C THR B 92 -14.74 1.52 -4.59
N TYR B 93 -13.61 2.11 -4.95
CA TYR B 93 -13.22 2.31 -6.35
C TYR B 93 -14.18 3.23 -7.08
N ASP B 94 -15.01 3.95 -6.33
CA ASP B 94 -15.97 4.88 -6.92
C ASP B 94 -15.17 5.98 -7.63
N ASN B 95 -15.57 6.27 -8.87
CA ASN B 95 -14.94 7.28 -9.72
C ASN B 95 -13.62 6.78 -10.31
N ASP B 96 -13.57 5.48 -10.61
CA ASP B 96 -12.37 4.86 -11.17
C ASP B 96 -12.14 5.25 -12.63
N ILE B 97 -11.64 6.48 -12.82
CA ILE B 97 -11.37 7.01 -14.14
C ILE B 97 -10.15 7.94 -14.12
N ALA B 98 -9.42 7.98 -15.23
CA ALA B 98 -8.22 8.82 -15.35
C ALA B 98 -7.91 9.10 -16.81
N LEU B 99 -7.17 10.17 -17.05
CA LEU B 99 -6.79 10.60 -18.40
C LEU B 99 -5.27 10.66 -18.48
N LEU B 100 -4.71 10.23 -19.61
CA LEU B 100 -3.27 10.27 -19.83
C LEU B 100 -3.03 11.11 -21.08
N GLN B 101 -2.32 12.23 -20.95
CA GLN B 101 -2.03 13.08 -22.09
C GLN B 101 -0.73 12.58 -22.70
N LEU B 102 -0.72 12.30 -24.00
CA LEU B 102 0.45 11.82 -24.70
C LEU B 102 1.32 12.97 -25.11
N LYS B 103 2.63 12.79 -24.97
CA LYS B 103 3.59 13.81 -25.33
C LYS B 103 3.93 13.68 -26.81
N SER B 104 3.86 14.79 -27.55
CA SER B 104 4.16 14.76 -28.97
C SER B 104 4.89 16.03 -29.46
N ASP B 105 5.24 16.03 -30.73
CA ASP B 105 5.95 17.15 -31.35
C ASP B 105 4.98 18.09 -32.08
N SER B 106 3.74 17.65 -32.27
CA SER B 106 2.74 18.45 -32.95
C SER B 106 1.40 18.34 -32.23
N SER B 107 0.36 18.90 -32.83
CA SER B 107 -0.98 18.87 -32.25
C SER B 107 -1.56 17.45 -32.22
N ARG B 108 -0.96 16.56 -33.02
CA ARG B 108 -1.40 15.17 -33.08
C ARG B 108 -0.29 14.26 -32.57
N CYS B 109 -0.68 13.22 -31.85
CA CYS B 109 0.26 12.26 -31.32
C CYS B 109 0.03 10.93 -32.03
N ALA B 110 -0.98 10.19 -31.59
CA ALA B 110 -1.33 8.91 -32.18
C ALA B 110 -1.80 9.15 -33.61
N GLN B 111 -1.06 8.59 -34.56
CA GLN B 111 -1.39 8.73 -35.97
C GLN B 111 -2.27 7.57 -36.35
N GLU B 112 -3.54 7.87 -36.64
CA GLU B 112 -4.53 6.85 -37.01
C GLU B 112 -4.00 5.93 -38.10
N SER B 113 -4.20 4.62 -37.91
CA SER B 113 -3.75 3.62 -38.87
C SER B 113 -4.72 2.46 -38.85
N SER B 114 -4.30 1.34 -39.44
CA SER B 114 -5.12 0.14 -39.47
C SER B 114 -5.13 -0.54 -38.10
N VAL B 115 -4.08 -0.28 -37.32
CA VAL B 115 -3.94 -0.85 -35.98
C VAL B 115 -4.08 0.19 -34.86
N VAL B 116 -4.18 1.46 -35.22
CA VAL B 116 -4.33 2.51 -34.20
C VAL B 116 -5.47 3.47 -34.51
N ARG B 117 -6.55 3.36 -33.74
CA ARG B 117 -7.74 4.20 -33.95
C ARG B 117 -8.52 4.48 -32.65
N THR B 118 -9.26 5.58 -32.65
CA THR B 118 -10.03 6.00 -31.49
C THR B 118 -11.38 5.32 -31.33
N VAL B 119 -11.87 5.36 -30.09
CA VAL B 119 -13.19 4.81 -29.79
C VAL B 119 -14.10 6.02 -29.75
N CYS B 120 -15.35 5.81 -30.15
CA CYS B 120 -16.31 6.90 -30.11
C CYS B 120 -16.88 6.94 -28.70
N LEU B 121 -16.84 8.11 -28.09
CA LEU B 121 -17.37 8.29 -26.75
C LEU B 121 -18.91 8.11 -26.78
N PRO B 122 -19.49 7.57 -25.69
CA PRO B 122 -20.93 7.37 -25.69
C PRO B 122 -21.71 8.66 -25.58
N PRO B 123 -22.88 8.70 -26.22
CA PRO B 123 -23.72 9.89 -26.16
C PRO B 123 -24.26 9.94 -24.73
N ALA B 124 -24.58 11.14 -24.24
CA ALA B 124 -25.10 11.34 -22.89
C ALA B 124 -26.34 10.50 -22.62
N ASP B 125 -27.14 10.30 -23.64
CA ASP B 125 -28.38 9.53 -23.54
C ASP B 125 -28.28 8.06 -23.98
N LEU B 126 -27.05 7.53 -24.08
CA LEU B 126 -26.88 6.14 -24.51
C LEU B 126 -27.62 5.19 -23.59
N GLN B 127 -28.65 4.54 -24.12
CA GLN B 127 -29.43 3.58 -23.32
C GLN B 127 -29.43 2.25 -24.07
N LEU B 128 -28.41 1.44 -23.81
CA LEU B 128 -28.31 0.13 -24.46
C LEU B 128 -29.20 -0.84 -23.70
N PRO B 129 -29.99 -1.64 -24.42
CA PRO B 129 -30.89 -2.62 -23.83
C PRO B 129 -30.17 -3.59 -22.90
N ASP B 130 -30.82 -3.94 -21.80
CA ASP B 130 -30.25 -4.88 -20.85
C ASP B 130 -29.90 -6.14 -21.62
N TRP B 131 -28.81 -6.77 -21.22
CA TRP B 131 -28.35 -7.99 -21.82
C TRP B 131 -27.77 -7.87 -23.23
N THR B 132 -27.51 -6.66 -23.70
CA THR B 132 -26.88 -6.54 -25.00
C THR B 132 -25.43 -7.04 -24.82
N GLU B 133 -24.94 -7.81 -25.78
CA GLU B 133 -23.59 -8.35 -25.67
C GLU B 133 -22.54 -7.40 -26.15
N CYS B 134 -21.73 -6.92 -25.22
CA CYS B 134 -20.66 -6.01 -25.54
C CYS B 134 -19.37 -6.81 -25.40
N GLU B 135 -18.27 -6.28 -25.90
CA GLU B 135 -17.02 -6.99 -25.82
C GLU B 135 -15.94 -6.17 -25.14
N LEU B 136 -14.95 -6.87 -24.60
CA LEU B 136 -13.84 -6.24 -23.91
C LEU B 136 -12.54 -6.89 -24.38
N SER B 137 -11.42 -6.24 -24.10
CA SER B 137 -10.12 -6.75 -24.49
C SER B 137 -9.07 -6.42 -23.44
N GLY B 138 -7.93 -7.12 -23.48
CA GLY B 138 -6.85 -6.85 -22.55
C GLY B 138 -5.72 -7.85 -22.52
N TYR B 139 -4.60 -7.47 -21.94
CA TYR B 139 -3.43 -8.33 -21.80
C TYR B 139 -3.34 -8.87 -20.38
N GLY B 140 -4.43 -8.76 -19.65
CA GLY B 140 -4.45 -9.23 -18.28
C GLY B 140 -4.45 -10.73 -18.12
N LYS B 141 -4.47 -11.16 -16.87
CA LYS B 141 -4.49 -12.57 -16.51
C LYS B 141 -5.64 -13.37 -17.13
N HIS B 142 -5.38 -14.65 -17.35
CA HIS B 142 -6.36 -15.57 -17.89
C HIS B 142 -7.10 -16.16 -16.70
N GLU B 143 -6.42 -16.18 -15.56
CA GLU B 143 -6.96 -16.68 -14.32
C GLU B 143 -6.46 -15.71 -13.27
N ALA B 144 -7.33 -15.32 -12.36
CA ALA B 144 -6.96 -14.39 -11.29
C ALA B 144 -5.93 -15.06 -10.40
N LEU B 145 -5.89 -16.38 -10.45
CA LEU B 145 -5.00 -17.21 -9.66
C LEU B 145 -3.62 -17.35 -10.32
N SER B 146 -3.58 -17.15 -11.63
CA SER B 146 -2.36 -17.23 -12.44
C SER B 146 -1.26 -16.25 -12.03
N PRO B 147 0.01 -16.67 -12.13
CA PRO B 147 1.08 -15.75 -11.77
C PRO B 147 1.56 -14.96 -12.99
N PHE B 148 0.92 -15.18 -14.15
CA PHE B 148 1.36 -14.50 -15.37
C PHE B 148 0.28 -13.74 -16.11
N TYR B 149 0.68 -12.64 -16.72
CA TYR B 149 -0.19 -11.81 -17.53
C TYR B 149 -0.25 -12.46 -18.91
N SER B 150 -1.12 -11.98 -19.77
CA SER B 150 -1.23 -12.57 -21.10
C SER B 150 -0.13 -12.04 -22.00
N GLU B 151 0.59 -12.96 -22.64
CA GLU B 151 1.65 -12.59 -23.57
C GLU B 151 1.08 -11.84 -24.77
N ARG B 152 -0.19 -12.09 -25.06
CA ARG B 152 -0.85 -11.49 -26.21
C ARG B 152 -2.25 -10.92 -25.91
N LEU B 153 -2.70 -9.99 -26.75
CA LEU B 153 -4.03 -9.37 -26.66
C LEU B 153 -5.12 -10.43 -26.73
N LYS B 154 -6.14 -10.25 -25.90
CA LYS B 154 -7.26 -11.17 -25.83
C LYS B 154 -8.55 -10.35 -25.84
N GLU B 155 -9.64 -10.98 -26.25
CA GLU B 155 -10.95 -10.34 -26.28
C GLU B 155 -11.98 -11.31 -25.71
N ALA B 156 -13.00 -10.77 -25.07
CA ALA B 156 -14.05 -11.59 -24.48
C ALA B 156 -15.39 -10.92 -24.78
N HIS B 157 -16.49 -11.57 -24.41
CA HIS B 157 -17.83 -11.03 -24.67
C HIS B 157 -18.74 -11.19 -23.45
N VAL B 158 -19.25 -10.08 -22.95
CA VAL B 158 -20.12 -10.08 -21.78
C VAL B 158 -21.49 -9.46 -22.06
N ARG B 159 -22.49 -9.84 -21.27
CA ARG B 159 -23.84 -9.30 -21.43
C ARG B 159 -24.06 -8.18 -20.42
N LEU B 160 -24.62 -7.06 -20.87
CA LEU B 160 -24.86 -5.93 -19.99
C LEU B 160 -25.93 -6.29 -18.96
N TYR B 161 -25.62 -6.07 -17.68
CA TYR B 161 -26.54 -6.38 -16.60
C TYR B 161 -27.52 -5.26 -16.29
N PRO B 162 -28.78 -5.63 -15.99
CA PRO B 162 -29.85 -4.69 -15.65
C PRO B 162 -29.41 -3.91 -14.41
N SER B 163 -29.85 -2.67 -14.33
CA SER B 163 -29.50 -1.79 -13.21
C SER B 163 -29.70 -2.48 -11.85
N SER B 164 -30.94 -2.90 -11.61
CA SER B 164 -31.32 -3.56 -10.37
C SER B 164 -30.38 -4.68 -9.94
N ARG B 165 -29.95 -5.50 -10.89
CA ARG B 165 -29.07 -6.61 -10.59
C ARG B 165 -27.64 -6.21 -10.26
N CYS B 166 -27.30 -4.94 -10.47
CA CYS B 166 -25.95 -4.46 -10.17
C CYS B 166 -25.97 -3.78 -8.80
N THR B 167 -26.14 -4.58 -7.76
CA THR B 167 -26.22 -4.09 -6.40
C THR B 167 -25.24 -4.77 -5.45
N SER B 168 -24.99 -4.13 -4.32
CA SER B 168 -24.09 -4.67 -3.29
C SER B 168 -24.44 -6.11 -2.97
N GLN B 169 -25.73 -6.37 -2.80
CA GLN B 169 -26.25 -7.71 -2.48
C GLN B 169 -25.70 -8.72 -3.47
N HIS B 170 -25.80 -8.39 -4.76
CA HIS B 170 -25.33 -9.28 -5.80
C HIS B 170 -23.82 -9.36 -5.94
N LEU B 171 -23.11 -8.47 -5.25
CA LEU B 171 -21.66 -8.49 -5.32
C LEU B 171 -21.00 -8.64 -3.93
N LEU B 172 -21.33 -9.76 -3.29
CA LEU B 172 -20.78 -10.12 -1.99
C LEU B 172 -20.64 -9.00 -0.97
N ASN B 173 -21.57 -8.04 -0.99
CA ASN B 173 -21.59 -6.92 -0.04
C ASN B 173 -20.55 -5.82 -0.26
N ARG B 174 -19.96 -5.74 -1.45
CA ARG B 174 -19.00 -4.68 -1.74
C ARG B 174 -19.83 -3.49 -2.21
N THR B 175 -19.30 -2.29 -2.05
CA THR B 175 -20.02 -1.10 -2.43
C THR B 175 -20.12 -0.88 -3.94
N VAL B 176 -21.33 -0.96 -4.48
CA VAL B 176 -21.57 -0.69 -5.90
C VAL B 176 -22.33 0.63 -5.91
N THR B 177 -21.75 1.66 -6.54
CA THR B 177 -22.37 2.99 -6.59
C THR B 177 -23.01 3.30 -7.96
N ASP B 178 -23.67 4.46 -8.06
CA ASP B 178 -24.33 4.84 -9.30
C ASP B 178 -23.39 5.21 -10.44
N ASN B 179 -22.08 5.08 -10.20
CA ASN B 179 -21.09 5.38 -11.23
C ASN B 179 -20.51 4.09 -11.78
N MET B 180 -21.09 2.96 -11.35
CA MET B 180 -20.64 1.66 -11.77
C MET B 180 -21.59 0.93 -12.72
N LEU B 181 -21.03 -0.01 -13.47
CA LEU B 181 -21.76 -0.79 -14.47
C LEU B 181 -21.43 -2.26 -14.23
N CYS B 182 -22.40 -3.14 -14.49
CA CYS B 182 -22.20 -4.58 -14.32
C CYS B 182 -22.39 -5.34 -15.62
N ALA B 183 -21.47 -6.23 -15.95
CA ALA B 183 -21.56 -7.04 -17.15
C ALA B 183 -20.84 -8.34 -16.89
N GLY B 184 -21.39 -9.44 -17.40
CA GLY B 184 -20.74 -10.72 -17.18
C GLY B 184 -21.33 -11.81 -18.03
N ASP B 185 -20.49 -12.77 -18.41
CA ASP B 185 -20.94 -13.89 -19.24
C ASP B 185 -22.13 -14.51 -18.53
N THR B 186 -23.15 -14.88 -19.27
CA THR B 186 -24.33 -15.46 -18.68
C THR B 186 -24.60 -16.89 -19.13
N ARG B 187 -23.59 -17.53 -19.71
CA ARG B 187 -23.73 -18.89 -20.19
C ARG B 187 -23.54 -19.94 -19.10
N SER B 188 -24.14 -21.11 -19.32
CA SER B 188 -24.02 -22.24 -18.41
C SER B 188 -24.22 -23.49 -19.26
N GLY B 189 -23.45 -24.54 -18.95
CA GLY B 189 -23.56 -25.80 -19.69
C GLY B 189 -23.30 -25.73 -21.19
N GLY B 190 -22.44 -24.83 -21.63
CA GLY B 190 -22.14 -24.74 -23.04
C GLY B 190 -20.92 -25.57 -23.35
N PRO B 191 -20.30 -25.39 -24.52
CA PRO B 191 -19.11 -26.10 -25.01
C PRO B 191 -17.79 -25.41 -24.63
N GLN B 192 -17.88 -24.27 -23.96
CA GLN B 192 -16.71 -23.50 -23.57
C GLN B 192 -16.12 -23.76 -22.19
N ALA B 193 -14.79 -23.79 -22.14
CA ALA B 193 -14.02 -24.07 -20.94
C ALA B 193 -13.99 -23.00 -19.85
N ASN B 194 -14.29 -21.74 -20.19
CA ASN B 194 -14.25 -20.68 -19.18
C ASN B 194 -15.28 -19.59 -19.41
N LEU B 195 -15.82 -19.04 -18.33
CA LEU B 195 -16.79 -17.95 -18.44
C LEU B 195 -15.98 -16.76 -18.87
N HIS B 196 -16.54 -15.97 -19.78
CA HIS B 196 -15.83 -14.80 -20.25
C HIS B 196 -15.81 -13.75 -19.16
N ASP B 197 -14.67 -13.07 -19.02
CA ASP B 197 -14.55 -12.04 -18.00
C ASP B 197 -13.19 -11.36 -18.05
N ALA B 198 -13.15 -10.12 -17.56
CA ALA B 198 -11.93 -9.35 -17.46
C ALA B 198 -11.25 -9.93 -16.23
N CYS B 199 -9.99 -9.58 -16.03
CA CYS B 199 -9.23 -10.10 -14.90
C CYS B 199 -8.10 -9.13 -14.56
N GLN B 200 -7.37 -9.44 -13.51
CA GLN B 200 -6.25 -8.60 -13.08
C GLN B 200 -5.29 -8.33 -14.24
N GLY B 201 -5.19 -7.07 -14.64
CA GLY B 201 -4.31 -6.70 -15.73
C GLY B 201 -5.10 -6.06 -16.85
N ASP B 202 -6.41 -6.31 -16.85
CA ASP B 202 -7.32 -5.75 -17.85
C ASP B 202 -7.81 -4.38 -17.44
N SER B 203 -7.64 -4.04 -16.17
CA SER B 203 -8.05 -2.76 -15.61
C SER B 203 -7.67 -1.57 -16.48
N GLY B 204 -8.57 -0.63 -16.65
CA GLY B 204 -8.31 0.53 -17.47
C GLY B 204 -8.66 0.29 -18.92
N GLY B 205 -8.85 -0.98 -19.26
CA GLY B 205 -9.22 -1.35 -20.60
C GLY B 205 -10.65 -1.00 -20.92
N PRO B 206 -11.03 -1.07 -22.21
CA PRO B 206 -12.37 -0.76 -22.71
C PRO B 206 -13.37 -1.91 -22.76
N LEU B 207 -14.64 -1.55 -22.50
CA LEU B 207 -15.80 -2.43 -22.59
C LEU B 207 -16.59 -1.68 -23.66
N VAL B 208 -16.54 -2.15 -24.89
CA VAL B 208 -17.20 -1.44 -25.99
C VAL B 208 -18.41 -2.16 -26.57
N CYS B 209 -19.39 -1.37 -27.00
CA CYS B 209 -20.63 -1.90 -27.58
C CYS B 209 -20.85 -1.28 -28.95
N LEU B 210 -21.67 -1.92 -29.77
CA LEU B 210 -21.97 -1.40 -31.09
C LEU B 210 -23.14 -0.43 -30.94
N ASN B 211 -22.92 0.82 -31.30
CA ASN B 211 -23.97 1.82 -31.21
C ASN B 211 -23.99 2.65 -32.48
N ASP B 212 -25.17 2.75 -33.08
CA ASP B 212 -25.38 3.50 -34.32
C ASP B 212 -24.30 3.22 -35.37
N GLY B 213 -24.01 1.94 -35.56
CA GLY B 213 -23.02 1.54 -36.55
C GLY B 213 -21.57 1.65 -36.15
N ARG B 214 -21.26 2.33 -35.05
CA ARG B 214 -19.88 2.47 -34.62
C ARG B 214 -19.64 1.87 -33.24
N MET B 215 -18.42 1.42 -32.98
CA MET B 215 -18.09 0.85 -31.69
C MET B 215 -17.97 1.99 -30.68
N THR B 216 -18.87 1.99 -29.72
CA THR B 216 -18.91 3.01 -28.70
C THR B 216 -18.39 2.49 -27.37
N LEU B 217 -17.61 3.32 -26.68
CA LEU B 217 -17.08 2.96 -25.36
C LEU B 217 -18.24 3.07 -24.38
N VAL B 218 -18.37 2.08 -23.52
CA VAL B 218 -19.45 2.09 -22.56
C VAL B 218 -18.91 2.10 -21.12
N GLY B 219 -17.81 1.41 -20.88
CA GLY B 219 -17.27 1.37 -19.54
C GLY B 219 -15.79 1.05 -19.50
N ILE B 220 -15.17 1.31 -18.35
CA ILE B 220 -13.76 1.07 -18.13
C ILE B 220 -13.65 -0.07 -17.13
N ILE B 221 -12.90 -1.11 -17.49
CA ILE B 221 -12.72 -2.26 -16.61
C ILE B 221 -12.22 -1.70 -15.30
N SER B 222 -13.04 -1.83 -14.26
CA SER B 222 -12.70 -1.30 -12.95
C SER B 222 -12.28 -2.38 -11.94
N TRP B 223 -13.23 -3.20 -11.51
CA TRP B 223 -12.92 -4.24 -10.55
C TRP B 223 -13.93 -5.37 -10.56
N GLY B 224 -13.71 -6.34 -9.68
CA GLY B 224 -14.58 -7.48 -9.58
C GLY B 224 -14.00 -8.46 -8.58
N LEU B 225 -14.71 -9.56 -8.37
CA LEU B 225 -14.28 -10.58 -7.42
C LEU B 225 -13.91 -11.84 -8.21
N GLY B 226 -12.61 -12.01 -8.44
CA GLY B 226 -12.13 -13.14 -9.20
C GLY B 226 -12.27 -12.86 -10.69
N CYS B 227 -12.42 -13.91 -11.49
CA CYS B 227 -12.55 -13.77 -12.92
C CYS B 227 -13.32 -14.99 -13.40
N GLY B 228 -14.37 -14.75 -14.17
CA GLY B 228 -15.19 -15.84 -14.67
C GLY B 228 -15.86 -16.65 -13.57
N GLN B 229 -16.29 -15.97 -12.51
CA GLN B 229 -16.94 -16.60 -11.35
C GLN B 229 -18.44 -16.67 -11.55
N LYS B 230 -19.01 -17.87 -11.42
CA LYS B 230 -20.44 -18.12 -11.61
C LYS B 230 -21.41 -17.23 -10.84
N ASP B 231 -22.14 -16.41 -11.58
CA ASP B 231 -23.16 -15.50 -11.06
C ASP B 231 -22.68 -14.19 -10.43
N VAL B 232 -21.38 -13.90 -10.60
CA VAL B 232 -20.78 -12.66 -10.09
C VAL B 232 -20.37 -11.84 -11.33
N PRO B 233 -20.99 -10.65 -11.54
CA PRO B 233 -20.61 -9.87 -12.73
C PRO B 233 -19.35 -9.02 -12.50
N GLY B 234 -18.88 -8.36 -13.54
CA GLY B 234 -17.72 -7.50 -13.44
C GLY B 234 -18.19 -6.07 -13.40
N VAL B 235 -17.49 -5.22 -12.65
CA VAL B 235 -17.86 -3.81 -12.54
C VAL B 235 -17.04 -2.93 -13.47
N TYR B 236 -17.72 -1.98 -14.10
CA TYR B 236 -17.10 -1.05 -15.04
C TYR B 236 -17.56 0.38 -14.70
N THR B 237 -16.70 1.37 -14.92
CA THR B 237 -17.05 2.76 -14.65
C THR B 237 -18.03 3.27 -15.73
N LYS B 238 -19.07 3.99 -15.33
CA LYS B 238 -20.03 4.53 -16.31
C LYS B 238 -19.38 5.71 -17.02
N VAL B 239 -18.92 5.50 -18.25
CA VAL B 239 -18.27 6.58 -19.00
C VAL B 239 -19.22 7.75 -19.25
N THR B 240 -20.51 7.47 -19.39
CA THR B 240 -21.52 8.51 -19.61
C THR B 240 -21.55 9.49 -18.43
N ASN B 241 -21.39 8.96 -17.22
CA ASN B 241 -21.38 9.79 -16.03
C ASN B 241 -20.17 10.72 -16.03
N TYR B 242 -19.16 10.40 -16.82
CA TYR B 242 -17.97 11.23 -16.86
C TYR B 242 -17.70 11.92 -18.18
N LEU B 243 -18.69 11.94 -19.08
CA LEU B 243 -18.52 12.61 -20.38
C LEU B 243 -18.14 14.06 -20.11
N ASP B 244 -18.83 14.65 -19.15
CA ASP B 244 -18.61 16.02 -18.70
C ASP B 244 -17.17 16.20 -18.20
N TRP B 245 -16.77 15.34 -17.25
CA TRP B 245 -15.43 15.36 -16.66
C TRP B 245 -14.35 15.25 -17.74
N ILE B 246 -14.52 14.28 -18.63
CA ILE B 246 -13.59 14.03 -19.72
C ILE B 246 -13.34 15.30 -20.52
N ARG B 247 -14.41 15.87 -21.07
CA ARG B 247 -14.31 17.09 -21.85
C ARG B 247 -13.62 18.21 -21.07
N ASP B 248 -13.93 18.34 -19.79
CA ASP B 248 -13.35 19.39 -18.94
C ASP B 248 -11.86 19.25 -18.61
N ASN B 249 -11.40 18.03 -18.43
CA ASN B 249 -9.99 17.82 -18.09
C ASN B 249 -9.04 17.67 -19.27
N MET B 250 -9.58 17.59 -20.47
CA MET B 250 -8.73 17.48 -21.64
C MET B 250 -8.13 18.83 -22.00
N ARG B 251 -7.20 19.29 -21.16
CA ARG B 251 -6.53 20.57 -21.38
C ARG B 251 -5.15 20.33 -21.97
N PRO B 252 -4.82 21.03 -23.07
CA PRO B 252 -3.53 20.92 -23.76
C PRO B 252 -2.37 21.36 -22.87
N THR C 1 20.52 11.32 34.62
CA THR C 1 21.12 11.07 33.28
C THR C 1 20.32 9.94 32.66
N CYS C 2 20.72 9.49 31.46
CA CYS C 2 20.01 8.45 30.75
C CYS C 2 19.95 7.11 31.47
N GLY C 3 19.00 6.28 31.03
CA GLY C 3 18.83 4.95 31.56
C GLY C 3 18.30 4.85 32.97
N LEU C 4 17.95 6.00 33.54
CA LEU C 4 17.45 6.06 34.91
C LEU C 4 15.94 6.22 34.89
N ARG C 5 15.29 5.66 35.90
CA ARG C 5 13.83 5.73 36.03
C ARG C 5 13.43 5.62 37.51
N GLN C 6 12.16 5.36 37.78
CA GLN C 6 11.66 5.23 39.16
C GLN C 6 10.92 3.93 39.43
N TYR C 7 10.77 3.61 40.72
CA TYR C 7 10.07 2.41 41.15
C TYR C 7 9.11 2.81 42.27
N ILE D 1 0.76 -4.47 23.54
CA ILE D 1 1.54 -5.51 24.29
C ILE D 1 0.63 -6.66 24.66
N LYS D 2 1.00 -7.87 24.24
CA LYS D 2 0.25 -9.07 24.55
C LYS D 2 0.74 -9.46 25.94
N GLY D 3 -0.19 -9.79 26.83
CA GLY D 3 0.22 -10.15 28.17
C GLY D 3 0.81 -8.94 28.87
N GLY D 4 1.80 -9.17 29.73
CA GLY D 4 2.43 -8.07 30.45
C GLY D 4 1.54 -7.41 31.49
N LEU D 5 1.79 -6.14 31.78
CA LEU D 5 0.99 -5.43 32.78
C LEU D 5 0.90 -3.95 32.48
N PHE D 6 -0.12 -3.29 33.04
CA PHE D 6 -0.29 -1.86 32.86
C PHE D 6 0.86 -1.18 33.58
N ALA D 7 1.49 -0.21 32.93
CA ALA D 7 2.63 0.52 33.51
C ALA D 7 2.45 2.03 33.44
N ASP D 8 3.13 2.73 34.34
CA ASP D 8 3.08 4.18 34.37
C ASP D 8 4.24 4.69 33.51
N ILE D 9 4.05 5.80 32.81
CA ILE D 9 5.10 6.35 31.95
C ILE D 9 6.44 6.54 32.70
N ALA D 10 6.36 6.88 33.98
CA ALA D 10 7.56 7.07 34.79
C ALA D 10 8.46 5.81 34.83
N SER D 11 7.91 4.66 34.51
CA SER D 11 8.69 3.44 34.52
C SER D 11 9.43 3.23 33.22
N HIS D 12 9.05 3.98 32.19
CA HIS D 12 9.69 3.89 30.89
C HIS D 12 9.70 5.30 30.26
N PRO D 13 10.31 6.28 30.96
CA PRO D 13 10.43 7.70 30.56
C PRO D 13 10.88 7.94 29.12
N TRP D 14 11.48 6.92 28.54
CA TRP D 14 12.03 6.94 27.18
C TRP D 14 11.05 6.55 26.08
N GLN D 15 9.84 6.15 26.46
CA GLN D 15 8.79 5.77 25.50
C GLN D 15 8.22 7.03 24.86
N ALA D 16 8.01 6.97 23.55
CA ALA D 16 7.44 8.10 22.84
C ALA D 16 6.20 7.61 22.09
N ALA D 17 5.17 8.45 22.06
CA ALA D 17 3.94 8.14 21.33
C ALA D 17 3.95 9.02 20.08
N ILE D 18 3.99 8.42 18.89
CA ILE D 18 3.98 9.23 17.68
C ILE D 18 2.59 9.17 17.01
N PHE D 19 1.98 10.35 16.86
CA PHE D 19 0.68 10.49 16.24
C PHE D 19 0.83 11.16 14.88
N ALA D 20 -0.10 10.85 13.98
CA ALA D 20 -0.09 11.40 12.65
C ALA D 20 -1.52 11.72 12.23
N LYS D 21 -1.68 12.58 11.22
CA LYS D 21 -3.02 12.91 10.76
C LYS D 21 -3.32 12.56 9.31
N HIS D 22 -4.56 12.82 8.91
CA HIS D 22 -5.04 12.54 7.57
C HIS D 22 -5.28 13.83 6.79
N ARG D 23 -5.84 13.72 5.59
CA ARG D 23 -6.13 14.86 4.74
C ARG D 23 -7.24 15.71 5.39
N ARG D 24 -7.19 17.02 5.16
CA ARG D 24 -8.18 17.95 5.72
C ARG D 24 -8.11 18.10 7.25
N SER D 25 -7.11 17.46 7.86
CA SER D 25 -6.92 17.51 9.31
C SER D 25 -8.15 17.13 10.14
N PRO D 26 -8.71 15.93 9.92
CA PRO D 26 -9.90 15.51 10.68
C PRO D 26 -9.53 15.04 12.08
N GLY D 27 -8.34 14.47 12.22
CA GLY D 27 -7.89 13.99 13.51
C GLY D 27 -6.55 13.27 13.38
N GLU D 28 -5.78 13.30 14.46
CA GLU D 28 -4.47 12.67 14.52
C GLU D 28 -4.54 11.29 15.17
N ARG D 29 -4.22 10.26 14.41
CA ARG D 29 -4.24 8.87 14.89
C ARG D 29 -2.88 8.43 15.44
N PHE D 30 -2.89 7.44 16.31
CA PHE D 30 -1.66 6.90 16.88
C PHE D 30 -0.97 6.09 15.78
N LEU D 31 0.26 6.45 15.46
CA LEU D 31 1.01 5.75 14.41
C LEU D 31 1.86 4.59 14.93
N CYS D 32 2.86 4.92 15.72
CA CYS D 32 3.79 3.94 16.27
C CYS D 32 4.37 4.45 17.60
N GLY D 33 5.22 3.63 18.20
CA GLY D 33 5.89 4.02 19.43
C GLY D 33 7.23 4.57 19.01
N GLY D 34 7.93 5.20 19.94
CA GLY D 34 9.24 5.76 19.65
C GLY D 34 10.13 5.64 20.86
N ILE D 35 11.43 5.89 20.67
CA ILE D 35 12.39 5.78 21.76
C ILE D 35 13.28 7.04 21.88
N LEU D 36 13.16 7.74 23.00
CA LEU D 36 13.92 8.97 23.26
C LEU D 36 15.41 8.76 23.55
N ILE D 37 16.27 9.14 22.62
CA ILE D 37 17.70 8.97 22.84
C ILE D 37 18.37 10.25 23.33
N SER D 38 18.00 11.38 22.75
CA SER D 38 18.55 12.66 23.18
C SER D 38 17.40 13.65 23.16
N SER D 39 17.61 14.81 23.77
CA SER D 39 16.57 15.84 23.87
C SER D 39 15.72 16.10 22.63
N CYS D 40 16.35 16.15 21.46
CA CYS D 40 15.61 16.43 20.24
C CYS D 40 15.63 15.29 19.24
N TRP D 41 15.99 14.09 19.68
CA TRP D 41 16.03 12.98 18.73
C TRP D 41 15.45 11.73 19.33
N ILE D 42 14.50 11.14 18.62
CA ILE D 42 13.89 9.89 19.05
C ILE D 42 13.96 8.88 17.90
N LEU D 43 14.21 7.62 18.23
CA LEU D 43 14.28 6.56 17.21
C LEU D 43 12.90 5.93 17.09
N SER D 44 12.69 5.20 16.00
CA SER D 44 11.43 4.51 15.77
C SER D 44 11.73 3.47 14.70
N ALA D 45 10.68 2.86 14.15
CA ALA D 45 10.83 1.84 13.10
C ALA D 45 10.55 2.43 11.73
N ALA D 46 11.47 2.24 10.80
CA ALA D 46 11.32 2.76 9.45
C ALA D 46 9.99 2.39 8.78
N HIS D 47 9.49 1.18 9.06
CA HIS D 47 8.25 0.72 8.45
C HIS D 47 7.02 1.55 8.78
N CYS D 48 7.09 2.28 9.89
CA CYS D 48 6.02 3.14 10.34
C CYS D 48 5.84 4.31 9.37
N PHE D 49 6.94 4.71 8.74
CA PHE D 49 6.95 5.84 7.84
C PHE D 49 6.85 5.53 6.36
N GLN D 50 6.46 4.30 6.03
CA GLN D 50 6.32 3.86 4.64
C GLN D 50 5.19 4.59 3.93
N GLU D 51 4.57 5.55 4.60
CA GLU D 51 3.49 6.33 4.01
C GLU D 51 3.98 7.73 3.62
N ARG D 52 5.30 7.95 3.75
CA ARG D 52 5.95 9.22 3.42
C ARG D 52 5.14 10.43 3.90
N PHE D 53 5.12 10.62 5.22
CA PHE D 53 4.38 11.72 5.86
C PHE D 53 5.15 13.04 5.90
N PRO D 54 4.44 14.16 5.73
CA PRO D 54 5.15 15.45 5.78
C PRO D 54 5.45 15.66 7.27
N PRO D 55 6.73 15.86 7.63
CA PRO D 55 7.13 16.05 9.02
C PRO D 55 6.15 16.78 9.93
N HIS D 56 5.69 17.96 9.53
CA HIS D 56 4.75 18.72 10.36
C HIS D 56 3.39 18.05 10.61
N HIS D 57 3.25 16.80 10.19
CA HIS D 57 2.04 16.02 10.38
C HIS D 57 2.36 14.84 11.28
N LEU D 58 3.48 14.97 11.99
CA LEU D 58 3.97 13.95 12.90
C LEU D 58 4.25 14.63 14.22
N THR D 59 3.57 14.14 15.26
CA THR D 59 3.69 14.66 16.60
C THR D 59 4.17 13.60 17.60
N VAL D 60 5.27 13.89 18.27
CA VAL D 60 5.81 12.97 19.25
C VAL D 60 5.37 13.51 20.59
N ILE D 61 4.77 12.64 21.39
CA ILE D 61 4.30 13.03 22.70
C ILE D 61 5.03 12.21 23.77
N LEU D 62 5.74 12.94 24.63
CA LEU D 62 6.50 12.34 25.71
C LEU D 62 5.79 12.56 27.06
N GLY D 63 6.12 11.72 28.05
CA GLY D 63 5.53 11.83 29.38
C GLY D 63 4.03 11.54 29.47
N ARG D 64 3.56 10.58 28.67
CA ARG D 64 2.15 10.24 28.64
C ARG D 64 1.81 8.78 28.97
N THR D 65 1.15 8.56 30.11
CA THR D 65 0.75 7.23 30.53
C THR D 65 -0.45 6.64 29.77
N TYR D 66 -1.43 7.47 29.41
CA TYR D 66 -2.58 6.99 28.65
C TYR D 66 -2.44 7.42 27.21
N ARG D 67 -2.64 6.49 26.27
CA ARG D 67 -2.50 6.79 24.84
C ARG D 67 -3.11 8.11 24.36
N VAL D 68 -4.40 8.31 24.61
CA VAL D 68 -5.08 9.54 24.16
C VAL D 68 -5.45 10.54 25.28
N VAL D 69 -5.26 10.14 26.53
CA VAL D 69 -5.56 11.03 27.65
C VAL D 69 -4.26 11.74 28.03
N PRO D 70 -4.20 13.07 27.78
CA PRO D 70 -3.07 13.96 28.07
C PRO D 70 -2.54 13.86 29.48
N GLY D 71 -1.22 13.73 29.60
CA GLY D 71 -0.57 13.62 30.89
C GLY D 71 -0.35 14.93 31.62
N GLU D 72 -0.32 14.84 32.95
CA GLU D 72 -0.12 15.97 33.83
C GLU D 72 1.16 16.71 33.51
N GLU D 73 2.21 15.97 33.15
CA GLU D 73 3.50 16.57 32.81
C GLU D 73 4.07 16.07 31.49
N GLU D 74 3.23 15.96 30.46
CA GLU D 74 3.72 15.47 29.17
C GLU D 74 4.40 16.58 28.38
N GLN D 75 5.02 16.20 27.26
CA GLN D 75 5.73 17.13 26.40
C GLN D 75 5.51 16.70 24.97
N LYS D 76 4.77 17.53 24.25
CA LYS D 76 4.41 17.28 22.87
C LYS D 76 5.29 18.13 21.95
N PHE D 77 5.88 17.49 20.94
CA PHE D 77 6.75 18.15 19.97
C PHE D 77 6.33 17.74 18.57
N GLU D 78 6.59 18.61 17.61
CA GLU D 78 6.27 18.33 16.22
C GLU D 78 7.59 17.98 15.57
N VAL D 79 7.55 17.09 14.58
CA VAL D 79 8.77 16.67 13.89
C VAL D 79 9.24 17.69 12.85
N GLU D 80 10.53 18.03 12.89
CA GLU D 80 11.10 18.96 11.92
C GLU D 80 11.52 18.15 10.69
N LYS D 81 12.27 17.08 10.94
CA LYS D 81 12.71 16.20 9.85
C LYS D 81 12.89 14.80 10.42
N TYR D 82 12.53 13.79 9.64
CA TYR D 82 12.70 12.41 10.07
C TYR D 82 13.45 11.68 8.99
N ILE D 83 14.54 11.03 9.39
CA ILE D 83 15.38 10.28 8.47
C ILE D 83 15.00 8.83 8.56
N VAL D 84 14.81 8.20 7.40
CA VAL D 84 14.44 6.80 7.34
C VAL D 84 15.62 6.07 6.69
N HIS D 85 16.11 5.02 7.34
CA HIS D 85 17.25 4.24 6.85
C HIS D 85 17.13 3.80 5.39
N LYS D 86 17.98 4.36 4.54
CA LYS D 86 18.01 4.07 3.10
C LYS D 86 17.92 2.60 2.68
N GLU D 87 18.66 1.73 3.37
CA GLU D 87 18.67 0.31 3.02
C GLU D 87 17.49 -0.49 3.59
N PHE D 88 16.47 0.19 4.11
CA PHE D 88 15.32 -0.49 4.68
C PHE D 88 14.57 -1.23 3.59
N ASP D 89 14.23 -2.49 3.84
CA ASP D 89 13.48 -3.27 2.87
C ASP D 89 12.08 -3.51 3.39
N ASP D 90 11.09 -3.32 2.52
CA ASP D 90 9.69 -3.48 2.91
C ASP D 90 9.18 -4.91 2.97
N ASP D 91 9.92 -5.83 2.36
CA ASP D 91 9.51 -7.23 2.40
C ASP D 91 10.07 -7.87 3.64
N THR D 92 11.39 -7.81 3.75
CA THR D 92 12.10 -8.41 4.86
C THR D 92 12.20 -7.56 6.13
N TYR D 93 11.93 -6.26 6.03
CA TYR D 93 12.03 -5.33 7.15
C TYR D 93 13.47 -5.18 7.63
N ASP D 94 14.41 -5.59 6.78
CA ASP D 94 15.81 -5.44 7.11
C ASP D 94 16.11 -3.94 7.18
N ASN D 95 16.86 -3.54 8.20
CA ASN D 95 17.22 -2.14 8.41
C ASN D 95 16.03 -1.30 8.89
N ASP D 96 15.16 -1.90 9.68
CA ASP D 96 13.98 -1.21 10.22
C ASP D 96 14.35 -0.24 11.34
N ILE D 97 14.84 0.93 10.94
CA ILE D 97 15.25 1.97 11.89
C ILE D 97 15.02 3.36 11.28
N ALA D 98 14.75 4.33 12.14
CA ALA D 98 14.51 5.71 11.70
C ALA D 98 14.75 6.69 12.84
N LEU D 99 15.03 7.94 12.48
CA LEU D 99 15.29 9.02 13.43
C LEU D 99 14.30 10.15 13.21
N LEU D 100 13.72 10.70 14.28
CA LEU D 100 12.78 11.80 14.19
C LEU D 100 13.38 12.97 14.92
N GLN D 101 13.63 14.08 14.22
CA GLN D 101 14.18 15.26 14.88
C GLN D 101 13.02 16.09 15.41
N LEU D 102 13.10 16.48 16.68
CA LEU D 102 12.06 17.28 17.32
C LEU D 102 12.27 18.76 17.03
N LYS D 103 11.17 19.46 16.78
CA LYS D 103 11.20 20.90 16.52
C LYS D 103 11.26 21.64 17.84
N SER D 104 12.04 22.71 17.89
CA SER D 104 12.14 23.51 19.10
C SER D 104 12.48 24.97 18.85
N ASP D 105 12.26 25.78 19.89
CA ASP D 105 12.53 27.20 19.84
C ASP D 105 13.98 27.44 20.26
N SER D 106 14.64 26.41 20.77
CA SER D 106 16.02 26.50 21.20
C SER D 106 16.77 25.21 20.88
N SER D 107 18.02 25.13 21.35
CA SER D 107 18.86 23.97 21.12
C SER D 107 18.39 22.72 21.87
N ARG D 108 17.52 22.91 22.86
CA ARG D 108 17.01 21.80 23.64
C ARG D 108 15.50 21.66 23.41
N CYS D 109 15.02 20.43 23.38
CA CYS D 109 13.61 20.16 23.15
C CYS D 109 13.01 19.46 24.36
N ALA D 110 13.17 18.14 24.45
CA ALA D 110 12.64 17.37 25.57
C ALA D 110 13.37 17.75 26.84
N GLN D 111 12.64 18.30 27.79
CA GLN D 111 13.22 18.70 29.06
C GLN D 111 13.10 17.52 29.99
N GLU D 112 14.24 16.96 30.39
CA GLU D 112 14.28 15.82 31.28
C GLU D 112 13.43 16.09 32.53
N SER D 113 12.67 15.09 32.94
CA SER D 113 11.81 15.18 34.10
C SER D 113 11.67 13.80 34.72
N SER D 114 10.74 13.66 35.66
CA SER D 114 10.47 12.39 36.31
C SER D 114 9.77 11.44 35.34
N VAL D 115 9.05 12.02 34.37
CA VAL D 115 8.33 11.24 33.37
C VAL D 115 8.94 11.29 31.95
N VAL D 116 9.97 12.11 31.75
CA VAL D 116 10.62 12.20 30.45
C VAL D 116 12.14 12.10 30.55
N ARG D 117 12.70 10.99 30.09
CA ARG D 117 14.14 10.76 30.15
C ARG D 117 14.65 9.90 28.99
N THR D 118 15.95 10.01 28.72
CA THR D 118 16.61 9.29 27.63
C THR D 118 17.08 7.89 27.99
N VAL D 119 17.19 7.05 26.96
CA VAL D 119 17.69 5.69 27.15
C VAL D 119 19.15 5.76 26.76
N CYS D 120 19.98 4.96 27.43
CA CYS D 120 21.38 4.97 27.08
C CYS D 120 21.57 4.02 25.91
N LEU D 121 22.26 4.50 24.88
CA LEU D 121 22.54 3.68 23.71
C LEU D 121 23.49 2.53 24.10
N PRO D 122 23.33 1.35 23.48
CA PRO D 122 24.21 0.25 23.84
C PRO D 122 25.63 0.45 23.36
N PRO D 123 26.58 -0.10 24.11
CA PRO D 123 27.98 0.02 23.72
C PRO D 123 28.16 -0.89 22.52
N ALA D 124 29.13 -0.57 21.67
CA ALA D 124 29.40 -1.36 20.46
C ALA D 124 29.65 -2.82 20.78
N ASP D 125 30.23 -3.07 21.95
CA ASP D 125 30.56 -4.42 22.39
C ASP D 125 29.58 -5.05 23.38
N LEU D 126 28.34 -4.57 23.39
CA LEU D 126 27.35 -5.12 24.29
C LEU D 126 27.05 -6.55 23.91
N GLN D 127 27.26 -7.48 24.81
CA GLN D 127 26.95 -8.86 24.52
C GLN D 127 26.27 -9.45 25.74
N LEU D 128 24.97 -9.22 25.82
CA LEU D 128 24.16 -9.70 26.92
C LEU D 128 24.01 -11.20 26.77
N PRO D 129 24.14 -11.93 27.88
CA PRO D 129 24.02 -13.39 27.89
C PRO D 129 22.69 -13.83 27.31
N ASP D 130 22.71 -14.94 26.59
CA ASP D 130 21.49 -15.48 26.00
C ASP D 130 20.51 -15.69 27.13
N TRP D 131 19.23 -15.49 26.83
CA TRP D 131 18.14 -15.66 27.78
C TRP D 131 18.03 -14.59 28.89
N THR D 132 18.81 -13.52 28.81
CA THR D 132 18.67 -12.48 29.83
C THR D 132 17.30 -11.86 29.62
N GLU D 133 16.57 -11.65 30.70
CA GLU D 133 15.24 -11.06 30.61
C GLU D 133 15.26 -9.56 30.47
N CYS D 134 14.85 -9.07 29.31
CA CYS D 134 14.80 -7.67 29.04
C CYS D 134 13.33 -7.30 29.00
N GLU D 135 13.03 -6.02 29.03
CA GLU D 135 11.63 -5.59 29.02
C GLU D 135 11.30 -4.62 27.89
N LEU D 136 10.03 -4.63 27.50
CA LEU D 136 9.55 -3.76 26.43
C LEU D 136 8.26 -3.07 26.88
N SER D 137 7.86 -2.06 26.13
CA SER D 137 6.66 -1.29 26.45
C SER D 137 5.96 -0.75 25.22
N GLY D 138 4.69 -0.38 25.38
CA GLY D 138 3.95 0.18 24.25
C GLY D 138 2.46 0.35 24.44
N TYR D 139 1.83 1.07 23.52
CA TYR D 139 0.37 1.29 23.57
C TYR D 139 -0.33 0.43 22.51
N GLY D 140 0.41 -0.53 21.97
CA GLY D 140 -0.13 -1.40 20.95
C GLY D 140 -1.17 -2.38 21.43
N LYS D 141 -1.66 -3.17 20.49
CA LYS D 141 -2.68 -4.19 20.73
C LYS D 141 -2.31 -5.21 21.79
N HIS D 142 -3.33 -5.66 22.52
CA HIS D 142 -3.22 -6.66 23.57
C HIS D 142 -3.33 -8.06 22.97
N GLU D 143 -3.86 -8.10 21.75
CA GLU D 143 -4.06 -9.31 20.97
C GLU D 143 -3.94 -8.75 19.56
N ALA D 144 -3.43 -9.52 18.62
CA ALA D 144 -3.27 -9.07 17.24
C ALA D 144 -4.63 -8.86 16.58
N LEU D 145 -5.50 -9.85 16.75
CA LEU D 145 -6.84 -9.86 16.18
C LEU D 145 -7.77 -8.82 16.84
N SER D 146 -7.26 -8.10 17.84
CA SER D 146 -8.03 -7.07 18.53
C SER D 146 -8.22 -5.89 17.58
N PRO D 147 -9.38 -5.22 17.65
CA PRO D 147 -9.57 -4.08 16.76
C PRO D 147 -9.14 -2.79 17.45
N PHE D 148 -8.68 -2.89 18.70
CA PHE D 148 -8.31 -1.70 19.45
C PHE D 148 -6.88 -1.68 19.99
N TYR D 149 -6.28 -0.49 19.98
CA TYR D 149 -4.94 -0.30 20.53
C TYR D 149 -5.15 -0.15 22.03
N SER D 150 -4.07 -0.12 22.79
CA SER D 150 -4.22 0.00 24.23
C SER D 150 -4.44 1.43 24.66
N GLU D 151 -5.49 1.66 25.43
CA GLU D 151 -5.81 2.99 25.94
C GLU D 151 -4.70 3.50 26.84
N ARG D 152 -3.92 2.58 27.41
CA ARG D 152 -2.84 2.94 28.32
C ARG D 152 -1.51 2.19 28.08
N LEU D 153 -0.42 2.78 28.58
CA LEU D 153 0.92 2.22 28.48
C LEU D 153 0.99 0.84 29.14
N LYS D 154 1.71 -0.07 28.50
CA LYS D 154 1.85 -1.42 28.99
C LYS D 154 3.33 -1.81 28.89
N GLU D 155 3.73 -2.78 29.71
CA GLU D 155 5.09 -3.28 29.72
C GLU D 155 5.04 -4.81 29.79
N ALA D 156 6.00 -5.45 29.15
CA ALA D 156 6.10 -6.91 29.13
C ALA D 156 7.57 -7.30 29.36
N HIS D 157 7.82 -8.60 29.49
CA HIS D 157 9.17 -9.10 29.75
C HIS D 157 9.46 -10.32 28.89
N VAL D 158 10.53 -10.23 28.10
CA VAL D 158 10.95 -11.29 27.20
C VAL D 158 12.41 -11.72 27.42
N ARG D 159 12.71 -12.96 27.08
CA ARG D 159 14.05 -13.52 27.22
C ARG D 159 14.77 -13.40 25.88
N LEU D 160 16.01 -12.92 25.91
CA LEU D 160 16.81 -12.77 24.71
C LEU D 160 17.14 -14.13 24.12
N TYR D 161 16.90 -14.28 22.83
CA TYR D 161 17.15 -15.54 22.15
C TYR D 161 18.56 -15.67 21.63
N PRO D 162 19.12 -16.89 21.70
CA PRO D 162 20.46 -17.20 21.22
C PRO D 162 20.50 -16.94 19.73
N SER D 163 21.66 -16.51 19.23
CA SER D 163 21.83 -16.19 17.83
C SER D 163 21.28 -17.31 16.93
N SER D 164 21.79 -18.52 17.11
CA SER D 164 21.40 -19.67 16.32
C SER D 164 19.88 -19.85 16.21
N ARG D 165 19.18 -19.66 17.33
CA ARG D 165 17.74 -19.82 17.34
C ARG D 165 16.95 -18.74 16.62
N CYS D 166 17.61 -17.66 16.24
CA CYS D 166 16.96 -16.58 15.52
C CYS D 166 17.17 -16.74 14.02
N THR D 167 16.60 -17.80 13.47
CA THR D 167 16.74 -18.10 12.06
C THR D 167 15.42 -18.21 11.32
N SER D 168 15.49 -18.12 9.99
CA SER D 168 14.31 -18.23 9.15
C SER D 168 13.54 -19.48 9.53
N GLN D 169 14.25 -20.60 9.67
CA GLN D 169 13.67 -21.88 10.04
C GLN D 169 12.73 -21.76 11.23
N HIS D 170 13.20 -21.02 12.25
CA HIS D 170 12.43 -20.80 13.47
C HIS D 170 11.31 -19.76 13.36
N LEU D 171 11.30 -19.03 12.26
CA LEU D 171 10.29 -18.02 12.06
C LEU D 171 9.49 -18.23 10.77
N LEU D 172 8.85 -19.38 10.69
CA LEU D 172 8.00 -19.76 9.56
C LEU D 172 8.50 -19.40 8.16
N ASN D 173 9.82 -19.40 7.96
CA ASN D 173 10.44 -19.13 6.66
C ASN D 173 10.49 -17.66 6.22
N ARG D 174 10.35 -16.74 7.17
CA ARG D 174 10.45 -15.32 6.85
C ARG D 174 11.93 -14.99 6.92
N THR D 175 12.37 -14.03 6.12
CA THR D 175 13.78 -13.62 6.11
C THR D 175 14.25 -12.95 7.39
N VAL D 176 15.12 -13.63 8.15
CA VAL D 176 15.70 -13.05 9.36
C VAL D 176 17.15 -12.76 8.97
N THR D 177 17.55 -11.50 9.04
CA THR D 177 18.90 -11.09 8.66
C THR D 177 19.79 -10.81 9.87
N ASP D 178 21.07 -10.52 9.62
CA ASP D 178 22.02 -10.24 10.69
C ASP D 178 21.82 -8.90 11.38
N ASN D 179 20.76 -8.18 11.02
CA ASN D 179 20.47 -6.90 11.65
C ASN D 179 19.25 -7.07 12.56
N MET D 180 18.82 -8.31 12.73
CA MET D 180 17.67 -8.63 13.55
C MET D 180 18.02 -9.36 14.86
N LEU D 181 17.11 -9.24 15.82
CA LEU D 181 17.26 -9.81 17.16
C LEU D 181 15.98 -10.56 17.49
N CYS D 182 16.09 -11.64 18.25
CA CYS D 182 14.93 -12.44 18.65
C CYS D 182 14.75 -12.48 20.17
N ALA D 183 13.53 -12.29 20.63
CA ALA D 183 13.24 -12.33 22.07
C ALA D 183 11.78 -12.71 22.24
N GLY D 184 11.48 -13.56 23.20
CA GLY D 184 10.09 -13.95 23.41
C GLY D 184 9.92 -14.70 24.70
N ASP D 185 8.73 -14.60 25.27
CA ASP D 185 8.41 -15.27 26.52
C ASP D 185 8.66 -16.75 26.38
N THR D 186 9.34 -17.33 27.36
CA THR D 186 9.66 -18.73 27.28
C THR D 186 8.92 -19.58 28.30
N ARG D 187 7.92 -18.99 28.96
CA ARG D 187 7.14 -19.70 29.97
C ARG D 187 6.09 -20.63 29.37
N SER D 188 5.72 -21.63 30.14
CA SER D 188 4.70 -22.60 29.76
C SER D 188 4.11 -23.15 31.06
N GLY D 189 2.80 -23.34 31.08
CA GLY D 189 2.14 -23.87 32.26
C GLY D 189 2.28 -23.06 33.53
N GLY D 190 2.36 -21.74 33.39
CA GLY D 190 2.47 -20.90 34.56
C GLY D 190 1.09 -20.44 34.96
N PRO D 191 0.99 -19.45 35.86
CA PRO D 191 -0.26 -18.88 36.37
C PRO D 191 -0.80 -17.73 35.52
N GLN D 192 -0.05 -17.36 34.46
CA GLN D 192 -0.41 -16.24 33.59
C GLN D 192 -1.22 -16.56 32.35
N ALA D 193 -2.22 -15.71 32.10
CA ALA D 193 -3.16 -15.85 30.99
C ALA D 193 -2.63 -15.66 29.57
N ASN D 194 -1.45 -15.08 29.42
CA ASN D 194 -0.90 -14.86 28.09
C ASN D 194 0.60 -14.72 28.05
N LEU D 195 1.19 -15.18 26.95
CA LEU D 195 2.63 -15.09 26.75
C LEU D 195 2.95 -13.63 26.54
N HIS D 196 4.04 -13.18 27.11
CA HIS D 196 4.42 -11.78 26.95
C HIS D 196 4.93 -11.57 25.55
N ASP D 197 4.56 -10.44 24.95
CA ASP D 197 4.99 -10.12 23.60
C ASP D 197 4.52 -8.74 23.16
N ALA D 198 5.26 -8.17 22.20
CA ALA D 198 4.92 -6.90 21.59
C ALA D 198 3.83 -7.25 20.59
N CYS D 199 3.15 -6.24 20.06
CA CYS D 199 2.09 -6.50 19.11
C CYS D 199 1.89 -5.29 18.20
N GLN D 200 1.00 -5.41 17.23
CA GLN D 200 0.71 -4.34 16.31
C GLN D 200 0.42 -3.05 17.08
N GLY D 201 1.28 -2.04 16.90
CA GLY D 201 1.10 -0.79 17.60
C GLY D 201 2.30 -0.50 18.48
N ASP D 202 3.06 -1.55 18.81
CA ASP D 202 4.26 -1.43 19.64
C ASP D 202 5.49 -1.12 18.81
N SER D 203 5.40 -1.34 17.50
CA SER D 203 6.49 -1.07 16.56
C SER D 203 7.17 0.26 16.79
N GLY D 204 8.48 0.28 16.71
CA GLY D 204 9.22 1.52 16.94
C GLY D 204 9.55 1.73 18.41
N GLY D 205 8.89 0.94 19.25
CA GLY D 205 9.11 1.02 20.69
C GLY D 205 10.41 0.39 21.12
N PRO D 206 10.83 0.64 22.37
CA PRO D 206 12.08 0.12 22.95
C PRO D 206 12.03 -1.25 23.61
N LEU D 207 13.20 -1.89 23.61
CA LEU D 207 13.45 -3.19 24.23
C LEU D 207 14.70 -2.93 25.07
N VAL D 208 14.52 -2.55 26.33
CA VAL D 208 15.64 -2.22 27.21
C VAL D 208 16.07 -3.32 28.17
N CYS D 209 17.39 -3.48 28.28
CA CYS D 209 18.01 -4.46 29.17
C CYS D 209 18.86 -3.68 30.17
N LEU D 210 19.06 -4.24 31.36
CA LEU D 210 19.87 -3.58 32.36
C LEU D 210 21.33 -3.88 32.03
N ASN D 211 22.10 -2.83 31.83
CA ASN D 211 23.50 -2.97 31.51
C ASN D 211 24.31 -1.98 32.32
N ASP D 212 25.28 -2.51 33.04
CA ASP D 212 26.15 -1.71 33.90
C ASP D 212 25.36 -0.72 34.72
N GLY D 213 24.30 -1.20 35.36
CA GLY D 213 23.49 -0.36 36.21
C GLY D 213 22.51 0.59 35.57
N ARG D 214 22.57 0.77 34.24
CA ARG D 214 21.64 1.68 33.59
C ARG D 214 20.81 0.93 32.58
N MET D 215 19.60 1.42 32.31
CA MET D 215 18.73 0.77 31.34
C MET D 215 19.26 1.11 29.96
N THR D 216 19.72 0.09 29.24
CA THR D 216 20.28 0.25 27.92
C THR D 216 19.33 -0.26 26.82
N LEU D 217 19.26 0.49 25.73
CA LEU D 217 18.43 0.10 24.59
C LEU D 217 19.15 -1.03 23.89
N VAL D 218 18.41 -2.06 23.51
CA VAL D 218 19.00 -3.20 22.84
C VAL D 218 18.40 -3.42 21.44
N GLY D 219 17.11 -3.13 21.31
CA GLY D 219 16.46 -3.32 20.02
C GLY D 219 15.19 -2.51 19.88
N ILE D 220 14.73 -2.39 18.64
CA ILE D 220 13.52 -1.64 18.29
C ILE D 220 12.48 -2.66 17.84
N ILE D 221 11.30 -2.62 18.44
CA ILE D 221 10.23 -3.54 18.08
C ILE D 221 10.04 -3.37 16.58
N SER D 222 10.37 -4.41 15.83
CA SER D 222 10.27 -4.39 14.38
C SER D 222 9.07 -5.17 13.83
N TRP D 223 9.08 -6.51 13.96
CA TRP D 223 8.00 -7.32 13.43
C TRP D 223 7.91 -8.69 14.09
N GLY D 224 6.93 -9.48 13.66
CA GLY D 224 6.73 -10.81 14.20
C GLY D 224 5.49 -11.43 13.61
N LEU D 225 5.19 -12.66 14.00
CA LEU D 225 4.01 -13.37 13.49
C LEU D 225 2.99 -13.57 14.61
N GLY D 226 2.04 -12.66 14.68
CA GLY D 226 1.03 -12.71 15.72
C GLY D 226 1.57 -12.03 16.97
N CYS D 227 1.09 -12.45 18.13
CA CYS D 227 1.53 -11.86 19.38
C CYS D 227 1.31 -12.92 20.43
N GLY D 228 2.33 -13.20 21.23
CA GLY D 228 2.22 -14.22 22.27
C GLY D 228 1.97 -15.63 21.74
N GLN D 229 2.55 -15.93 20.57
CA GLN D 229 2.40 -17.22 19.91
C GLN D 229 3.50 -18.15 20.39
N LYS D 230 3.11 -19.32 20.90
CA LYS D 230 4.09 -20.27 21.42
C LYS D 230 5.14 -20.67 20.40
N ASP D 231 6.39 -20.74 20.84
CA ASP D 231 7.52 -21.14 20.00
C ASP D 231 7.94 -20.16 18.89
N VAL D 232 7.31 -18.98 18.86
CA VAL D 232 7.64 -17.98 17.85
C VAL D 232 8.11 -16.72 18.55
N PRO D 233 9.40 -16.36 18.43
CA PRO D 233 9.89 -15.15 19.10
C PRO D 233 9.53 -13.87 18.32
N GLY D 234 9.89 -12.72 18.86
CA GLY D 234 9.62 -11.47 18.20
C GLY D 234 10.95 -10.91 17.69
N VAL D 235 10.92 -10.24 16.55
CA VAL D 235 12.11 -9.67 15.95
C VAL D 235 12.30 -8.20 16.31
N TYR D 236 13.55 -7.84 16.61
CA TYR D 236 13.91 -6.47 16.99
C TYR D 236 15.16 -6.06 16.21
N THR D 237 15.25 -4.80 15.81
CA THR D 237 16.42 -4.32 15.06
C THR D 237 17.63 -4.27 16.01
N LYS D 238 18.81 -4.70 15.55
CA LYS D 238 20.01 -4.65 16.39
C LYS D 238 20.50 -3.21 16.42
N VAL D 239 20.23 -2.51 17.52
CA VAL D 239 20.64 -1.11 17.65
C VAL D 239 22.15 -0.95 17.57
N THR D 240 22.88 -1.95 18.06
CA THR D 240 24.35 -1.94 18.03
C THR D 240 24.86 -1.85 16.59
N ASN D 241 24.15 -2.53 15.68
CA ASN D 241 24.51 -2.51 14.26
C ASN D 241 24.34 -1.12 13.67
N TYR D 242 23.52 -0.29 14.31
CA TYR D 242 23.29 1.05 13.80
C TYR D 242 23.82 2.17 14.67
N LEU D 243 24.71 1.84 15.60
CA LEU D 243 25.29 2.87 16.46
C LEU D 243 25.96 3.96 15.62
N ASP D 244 26.70 3.55 14.61
CA ASP D 244 27.37 4.50 13.71
C ASP D 244 26.35 5.30 12.88
N TRP D 245 25.35 4.62 12.33
CA TRP D 245 24.32 5.26 11.51
C TRP D 245 23.70 6.41 12.27
N ILE D 246 23.26 6.11 13.49
CA ILE D 246 22.63 7.09 14.36
C ILE D 246 23.52 8.31 14.49
N ARG D 247 24.72 8.10 15.03
CA ARG D 247 25.69 9.17 15.21
C ARG D 247 25.81 10.09 14.01
N ASP D 248 25.86 9.48 12.82
CA ASP D 248 26.00 10.23 11.59
C ASP D 248 24.77 10.96 11.08
N ASN D 249 23.59 10.38 11.29
CA ASN D 249 22.35 11.02 10.84
C ASN D 249 21.79 12.10 11.74
N MET D 250 22.20 12.10 13.01
CA MET D 250 21.74 13.14 13.92
C MET D 250 22.36 14.48 13.50
N ARG D 251 21.68 15.16 12.58
CA ARG D 251 22.15 16.45 12.07
C ARG D 251 21.12 17.53 12.38
N PRO D 252 21.58 18.69 12.86
CA PRO D 252 20.72 19.83 13.20
C PRO D 252 20.08 20.45 11.96
C8 BBA E . -8.79 -6.10 -11.51
C9 BBA E . -9.96 -6.87 -11.98
C14 BBA E . -10.42 -8.05 -11.32
C13 BBA E . -11.57 -8.73 -11.76
C10 BBA E . -10.69 -6.39 -13.10
C11 BBA E . -11.85 -7.11 -13.54
C12 BBA E . -12.31 -8.29 -12.86
C15 BBA E . -13.49 -9.04 -13.28
N16 BBA E . -14.44 -8.47 -14.05
N17 BBA E . -13.63 -10.29 -12.91
C18 BBA E . -9.77 -5.87 -6.65
C19 BBA E . -10.90 -5.06 -6.06
C20 BBA E . -11.94 -5.74 -5.33
C21 BBA E . -13.01 -5.02 -4.76
C24 BBA E . -11.01 -3.65 -6.17
C23 BBA E . -12.09 -2.93 -5.60
C22 BBA E . -13.11 -3.59 -4.88
C25 BBA E . -14.24 -2.81 -4.29
N26 BBA E . -14.78 -1.77 -4.93
N27 BBA E . -14.75 -3.14 -3.07
C1 BBA E . -8.42 -5.82 -10.24
C2 BBA E . -6.98 -6.20 -10.01
C3 BBA E . -6.27 -5.70 -8.76
C BBA E . -6.71 -4.34 -8.27
C4 BBA E . -8.15 -4.27 -7.72
C5 BBA E . -8.95 -5.58 -7.72
C6 BBA E . -9.41 -5.96 -9.08
O7 BBA E . -10.57 -6.21 -9.25
HG11 BBA E . -15.25 -9.00 -14.33
HG12 BBA E . -14.35 -7.52 -14.34
HG2 BBA E . -12.92 -10.72 -12.34
HG31 BBA E . -15.54 -1.24 -4.54
HG32 BBA E . -14.42 -1.50 -5.84
HG4 BBA E . -15.50 -2.62 -2.67
HG22 BBA E . -14.43 -10.82 -13.17
HG42 BBA E . -14.36 -3.90 -2.56
C8 BBA F . 3.93 -5.17 14.02
C9 BBA F . 4.32 -6.20 15.03
C14 BBA F . 3.79 -7.51 15.05
C13 BBA F . 4.22 -8.46 16.01
C10 BBA F . 5.30 -5.85 16.01
C11 BBA F . 5.71 -6.82 16.98
C12 BBA F . 5.18 -8.14 16.98
C15 BBA F . 5.61 -9.17 17.97
N16 BBA F . 6.79 -9.08 18.62
N17 BBA F . 4.84 -10.19 18.21
C18 BBA F . 4.16 -7.97 9.94
C19 BBA F . 5.43 -8.42 9.31
C20 BBA F . 5.67 -9.80 9.19
C21 BBA F . 6.86 -10.27 8.57
C24 BBA F . 6.41 -7.53 8.80
C23 BBA F . 7.61 -8.00 8.19
C22 BBA F . 7.86 -9.37 8.07
C25 BBA F . 9.13 -9.87 7.43
N26 BBA F . 10.32 -9.32 7.69
N27 BBA F . 9.09 -10.93 6.61
C1 BBA F . 3.68 -5.35 12.70
C2 BBA F . 2.24 -4.88 12.39
C3 BBA F . 1.77 -4.78 10.95
C BBA F . 2.87 -4.40 9.96
C4 BBA F . 3.93 -5.51 9.68
C5 BBA F . 3.84 -6.77 10.52
C6 BBA F . 4.21 -6.58 11.97
O7 BBA F . 4.98 -7.34 12.47
HG11 BBA F . 7.06 -9.77 19.27
HG12 BBA F . 7.40 -8.31 18.45
HG2 BBA F . 3.95 -10.29 17.72
HG31 BBA F . 11.15 -9.67 7.26
HG32 BBA F . 10.38 -8.53 8.30
HG4 BBA F . 9.91 -11.28 6.18
HG22 BBA F . 5.10 -10.90 18.86
HG42 BBA F . 8.20 -11.37 6.41
#